data_6CIG
#
_entry.id   6CIG
#
_cell.length_a   145.810
_cell.length_b   50.240
_cell.length_c   63.740
_cell.angle_alpha   90.000
_cell.angle_beta   106.760
_cell.angle_gamma   90.000
#
_symmetry.space_group_name_H-M   'C 1 2 1'
#
loop_
_entity.id
_entity.type
_entity.pdbx_description
1 polymer 'Isoflavone-7-O-methyltransferase 8'
2 non-polymer GLYCEROL
3 non-polymer 'N-(TRIS(HYDROXYMETHYL)METHYL)-3-AMINOPROPANESULFONIC ACID'
4 non-polymer 'SULFATE ION'
5 non-polymer 'TETRAETHYLENE GLYCOL'
6 non-polymer S-ADENOSYL-L-HOMOCYSTEINE
7 water water
#
_entity_poly.entity_id   1
_entity_poly.type   'polypeptide(L)'
_entity_poly.pdbx_seq_one_letter_code
;(MSE)ASSINGRKPSEIFKAQALLYKHIYAFIDS(MSE)SLKWAVE(MSE)NIPNIIQNHGKPISLSNLVSILQVPSSKI
GNVRRL(MSE)RYLAHNGFFEIITKEEESYALTVASELLVRGSDLCLAP(MSE)VE(CSX)VLDPTLSGSYHELKKWIYE
EDLTLFGVTLGSGFWDFLDKNPEYNTSFNDA(MSE)ASDSKLINLALRDCDFVFDGLESIVDVGGGTGTTAKIICETFPK
LKCIVFDRPQVVENLSGSNNLTYVGGD(MSE)FTSIPNADAVLLKYILHNWTDKDCLRILKKCKEAVTNDGKRGKVTIID
(MSE)VIDKKKDENQVTQIKLL(MSE)DVN(MSE)ACLNGKERNEEEWKKLFIEAGFQHYKISPLTGFLSLIEIYP
;
_entity_poly.pdbx_strand_id   A
#
# COMPACT_ATOMS: atom_id res chain seq x y z
N SER A 4 -26.08 0.84 40.46
CA SER A 4 -25.66 0.25 39.15
C SER A 4 -26.05 1.16 37.96
N ILE A 5 -25.27 1.06 36.89
CA ILE A 5 -25.46 1.87 35.68
C ILE A 5 -25.53 0.91 34.48
N ASN A 6 -26.58 1.04 33.68
CA ASN A 6 -26.80 0.17 32.50
C ASN A 6 -26.80 -1.30 32.89
N GLY A 7 -27.34 -1.60 34.07
CA GLY A 7 -27.32 -2.94 34.64
C GLY A 7 -25.98 -3.50 35.11
N ARG A 8 -24.99 -2.62 35.35
CA ARG A 8 -23.60 -3.03 35.64
C ARG A 8 -23.00 -2.22 36.79
N LYS A 9 -21.89 -2.69 37.35
CA LYS A 9 -21.17 -1.91 38.38
C LYS A 9 -20.57 -0.64 37.76
N PRO A 10 -20.62 0.50 38.47
CA PRO A 10 -20.03 1.73 37.92
C PRO A 10 -18.61 1.58 37.41
N SER A 11 -17.81 0.76 38.09
CA SER A 11 -16.42 0.48 37.69
C SER A 11 -16.34 -0.20 36.33
N GLU A 12 -17.27 -1.13 36.05
CA GLU A 12 -17.37 -1.82 34.73
C GLU A 12 -17.76 -0.82 33.60
N ILE A 13 -18.65 0.10 33.94
CA ILE A 13 -19.08 1.14 33.02
C ILE A 13 -17.92 2.07 32.70
N PHE A 14 -17.14 2.44 33.71
CA PHE A 14 -15.99 3.35 33.52
C PHE A 14 -14.97 2.70 32.57
N LYS A 15 -14.73 1.40 32.75
CA LYS A 15 -13.82 0.66 31.86
C LYS A 15 -14.33 0.65 30.41
N ALA A 16 -15.64 0.41 30.25
CA ALA A 16 -16.25 0.45 28.92
C ALA A 16 -16.19 1.85 28.31
N GLN A 17 -16.40 2.87 29.16
CA GLN A 17 -16.31 4.26 28.66
C GLN A 17 -14.92 4.57 28.13
N ALA A 18 -13.90 4.14 28.87
CA ALA A 18 -12.53 4.29 28.42
C ALA A 18 -12.27 3.62 27.08
N LEU A 19 -12.79 2.40 26.87
CA LEU A 19 -12.70 1.77 25.56
C LEU A 19 -13.41 2.57 24.46
N LEU A 20 -14.64 3.02 24.74
CA LEU A 20 -15.36 3.81 23.76
C LEU A 20 -14.58 5.08 23.36
N TYR A 21 -14.09 5.82 24.34
CA TYR A 21 -13.34 7.04 24.06
C TYR A 21 -12.08 6.75 23.26
N LYS A 22 -11.40 5.64 23.55
CA LYS A 22 -10.21 5.26 22.78
C LYS A 22 -10.54 5.18 21.29
N HIS A 23 -11.69 4.59 20.98
CA HIS A 23 -12.11 4.44 19.63
C HIS A 23 -12.73 5.67 19.01
N ILE A 24 -13.56 6.41 19.76
CA ILE A 24 -14.08 7.63 19.19
C ILE A 24 -12.91 8.52 18.73
N TYR A 25 -11.88 8.61 19.57
CA TYR A 25 -10.79 9.52 19.34
C TYR A 25 -9.57 8.88 18.64
N ALA A 26 -9.75 7.71 18.06
CA ALA A 26 -8.63 7.02 17.40
C ALA A 26 -8.03 7.84 16.25
N PHE A 27 -8.87 8.62 15.58
CA PHE A 27 -8.46 9.46 14.46
C PHE A 27 -7.30 10.41 14.86
N ILE A 28 -7.22 10.75 16.14
CA ILE A 28 -6.10 11.59 16.65
C ILE A 28 -4.75 10.89 16.48
N ASP A 29 -4.73 9.56 16.55
CA ASP A 29 -3.48 8.80 16.29
C ASP A 29 -3.02 9.12 14.84
N SER A 30 -3.93 8.99 13.90
CA SER A 30 -3.66 9.30 12.49
C SER A 30 -3.22 10.78 12.28
N SER A 32 -2.13 13.06 14.44
CA SER A 32 -0.89 13.45 15.08
C SER A 32 0.32 12.94 14.27
N LEU A 33 0.21 11.71 13.74
CA LEU A 33 1.27 11.17 12.90
C LEU A 33 1.43 12.00 11.65
N LYS A 34 0.32 12.35 10.99
CA LYS A 34 0.36 13.22 9.84
C LYS A 34 1.05 14.54 10.16
N TRP A 35 0.69 15.12 11.30
CA TRP A 35 1.30 16.38 11.73
C TRP A 35 2.82 16.24 11.85
N ALA A 36 3.28 15.17 12.51
CA ALA A 36 4.74 14.95 12.68
C ALA A 36 5.46 14.95 11.34
N VAL A 37 4.86 14.30 10.34
CA VAL A 37 5.43 14.24 9.01
C VAL A 37 5.38 15.60 8.33
N GLU A 38 4.25 16.30 8.43
CA GLU A 38 4.12 17.60 7.80
C GLU A 38 5.06 18.67 8.39
N ASN A 40 7.98 17.93 9.47
CA ASN A 40 9.30 17.42 9.07
C ASN A 40 10.13 17.01 10.28
N ILE A 41 9.45 16.57 11.34
CA ILE A 41 10.14 16.32 12.60
C ILE A 41 11.12 15.14 12.55
N PRO A 42 10.74 14.01 11.92
CA PRO A 42 11.70 12.92 11.84
C PRO A 42 13.02 13.34 11.15
N ASN A 43 12.91 14.04 10.03
CA ASN A 43 14.13 14.52 9.38
C ASN A 43 14.90 15.50 10.22
N ILE A 44 14.23 16.40 10.93
CA ILE A 44 14.91 17.38 11.80
C ILE A 44 15.76 16.66 12.85
N ILE A 45 15.18 15.62 13.44
CA ILE A 45 15.87 14.89 14.49
C ILE A 45 17.04 14.12 13.87
N GLN A 46 16.81 13.46 12.74
CA GLN A 46 17.89 12.73 12.05
C GLN A 46 19.05 13.67 11.75
N ASN A 47 18.73 14.84 11.21
CA ASN A 47 19.77 15.83 10.84
C ASN A 47 20.52 16.43 12.04
N HIS A 48 19.84 16.49 13.18
CA HIS A 48 20.39 16.97 14.43
C HIS A 48 21.50 16.03 14.95
N GLY A 49 21.35 14.74 14.64
CA GLY A 49 22.36 13.72 14.95
C GLY A 49 22.40 13.18 16.39
N LYS A 50 21.44 13.64 17.19
CA LYS A 50 21.27 13.25 18.59
C LYS A 50 19.83 13.61 18.98
N PRO A 51 19.36 13.15 20.14
CA PRO A 51 18.01 13.51 20.52
C PRO A 51 17.87 15.04 20.66
N ILE A 52 16.76 15.58 20.20
CA ILE A 52 16.60 17.04 20.19
C ILE A 52 15.86 17.55 21.41
N SER A 53 16.35 18.62 22.01
CA SER A 53 15.62 19.23 23.12
C SER A 53 14.36 19.90 22.62
N LEU A 54 13.35 20.00 23.49
CA LEU A 54 12.14 20.72 23.12
C LEU A 54 12.47 22.15 22.66
N SER A 55 13.38 22.80 23.37
CA SER A 55 13.70 24.19 23.02
C SER A 55 14.33 24.31 21.64
N ASN A 56 15.25 23.40 21.31
CA ASN A 56 15.87 23.41 20.00
C ASN A 56 14.83 23.03 18.91
N LEU A 57 13.96 22.07 19.23
CA LEU A 57 12.95 21.66 18.28
C LEU A 57 12.04 22.82 17.88
N VAL A 58 11.50 23.50 18.87
CA VAL A 58 10.58 24.62 18.59
C VAL A 58 11.31 25.79 17.98
N SER A 59 12.60 25.92 18.28
CA SER A 59 13.41 26.96 17.64
C SER A 59 13.53 26.72 16.13
N ILE A 60 13.88 25.51 15.75
CA ILE A 60 13.92 25.11 14.33
C ILE A 60 12.54 25.29 13.63
N LEU A 61 11.47 24.82 14.28
CA LEU A 61 10.13 24.92 13.75
C LEU A 61 9.64 26.36 13.64
N GLN A 62 10.15 27.26 14.47
CA GLN A 62 9.71 28.68 14.51
C GLN A 62 8.20 28.79 14.83
N VAL A 63 7.74 27.93 15.74
CA VAL A 63 6.37 28.03 16.24
C VAL A 63 6.26 29.20 17.21
N PRO A 64 5.09 29.85 17.24
CA PRO A 64 4.87 30.93 18.20
C PRO A 64 4.95 30.43 19.64
N SER A 65 5.36 31.30 20.55
CA SER A 65 5.59 30.85 21.93
C SER A 65 4.32 30.30 22.56
N SER A 66 3.17 30.84 22.16
CA SER A 66 1.87 30.40 22.65
C SER A 66 1.52 28.95 22.26
N LYS A 67 2.24 28.38 21.29
CA LYS A 67 1.99 27.02 20.86
C LYS A 67 3.09 26.02 21.17
N ILE A 68 4.13 26.45 21.88
CA ILE A 68 5.20 25.54 22.32
C ILE A 68 4.72 24.40 23.19
N GLY A 69 3.86 24.71 24.17
CA GLY A 69 3.33 23.65 25.04
C GLY A 69 2.49 22.65 24.24
N ASN A 70 1.78 23.13 23.23
CA ASN A 70 1.01 22.26 22.31
C ASN A 70 1.95 21.32 21.52
N VAL A 71 3.11 21.84 21.12
CA VAL A 71 4.08 20.97 20.49
C VAL A 71 4.53 19.89 21.48
N ARG A 72 4.82 20.28 22.71
CA ARG A 72 5.25 19.35 23.74
C ARG A 72 4.20 18.26 23.94
N ARG A 73 2.93 18.68 24.04
CA ARG A 73 1.85 17.72 24.24
C ARG A 73 1.73 16.73 23.09
N LEU A 74 1.84 17.24 21.88
CA LEU A 74 1.76 16.34 20.69
C LEU A 74 2.97 15.36 20.66
N ARG A 76 4.72 14.27 23.16
CA ARG A 76 4.62 13.25 24.23
C ARG A 76 3.60 12.17 23.85
N TYR A 77 2.56 12.61 23.15
CA TYR A 77 1.51 11.69 22.67
C TYR A 77 2.12 10.75 21.63
N LEU A 78 2.85 11.30 20.66
CA LEU A 78 3.53 10.49 19.65
C LEU A 78 4.57 9.54 20.24
N ALA A 79 5.29 10.03 21.23
CA ALA A 79 6.31 9.22 21.95
C ALA A 79 5.68 8.03 22.61
N HIS A 80 4.59 8.26 23.30
CA HIS A 80 3.91 7.16 23.96
C HIS A 80 3.44 6.10 22.93
N ASN A 81 3.04 6.53 21.75
CA ASN A 81 2.67 5.60 20.64
C ASN A 81 3.82 4.88 19.99
N GLY A 82 5.03 5.26 20.30
CA GLY A 82 6.21 4.55 19.80
C GLY A 82 6.99 5.25 18.70
N PHE A 83 6.66 6.51 18.40
CA PHE A 83 7.32 7.22 17.29
C PHE A 83 8.50 8.06 17.73
N PHE A 84 8.63 8.29 19.04
CA PHE A 84 9.80 8.95 19.61
C PHE A 84 10.12 8.34 20.97
N GLU A 85 11.37 8.49 21.37
CA GLU A 85 11.79 8.11 22.71
C GLU A 85 12.08 9.41 23.46
N ILE A 86 11.49 9.55 24.64
CA ILE A 86 11.80 10.71 25.48
C ILE A 86 13.00 10.39 26.34
N ILE A 87 14.02 11.26 26.28
CA ILE A 87 15.20 11.15 27.14
C ILE A 87 15.24 12.42 27.98
N THR A 88 15.27 12.26 29.31
CA THR A 88 15.25 13.43 30.22
C THR A 88 16.59 13.60 30.98
N LYS A 89 17.16 14.79 30.84
CA LYS A 89 18.32 15.23 31.60
C LYS A 89 18.00 16.66 32.08
N GLU A 90 18.82 17.65 31.77
CA GLU A 90 18.49 19.04 32.11
C GLU A 90 17.17 19.43 31.43
N GLU A 91 16.93 18.86 30.27
CA GLU A 91 15.74 19.13 29.51
C GLU A 91 15.13 17.79 29.05
N GLU A 92 13.90 17.88 28.58
CA GLU A 92 13.29 16.81 27.81
C GLU A 92 13.78 16.84 26.36
N SER A 93 14.25 15.67 25.87
CA SER A 93 14.67 15.51 24.48
C SER A 93 13.98 14.35 23.80
N TYR A 94 13.94 14.42 22.47
CA TYR A 94 13.23 13.43 21.66
C TYR A 94 14.16 12.74 20.69
N ALA A 95 14.21 11.40 20.75
CA ALA A 95 14.97 10.57 19.85
C ALA A 95 14.04 9.84 18.89
N LEU A 96 14.59 9.47 17.74
CA LEU A 96 13.88 8.62 16.82
C LEU A 96 13.82 7.22 17.39
N THR A 97 12.85 6.47 16.86
CA THR A 97 12.72 5.02 17.10
C THR A 97 12.76 4.34 15.74
N VAL A 98 12.74 3.01 15.71
CA VAL A 98 12.71 2.31 14.42
C VAL A 98 11.51 2.76 13.60
N ALA A 99 10.35 2.94 14.25
CA ALA A 99 9.15 3.37 13.53
C ALA A 99 9.29 4.75 12.91
N SER A 100 9.84 5.73 13.63
CA SER A 100 10.02 7.06 13.04
C SER A 100 11.21 7.10 12.08
N GLU A 101 12.11 6.15 12.17
CA GLU A 101 13.15 6.01 11.16
C GLU A 101 12.57 5.61 9.80
N LEU A 102 11.39 4.98 9.79
CA LEU A 102 10.67 4.73 8.55
C LEU A 102 10.14 6.03 7.91
N LEU A 103 10.23 7.16 8.61
CA LEU A 103 9.72 8.43 8.07
C LEU A 103 10.86 9.37 7.62
N VAL A 104 12.09 8.91 7.72
CA VAL A 104 13.30 9.70 7.43
C VAL A 104 13.61 9.57 5.96
N ARG A 105 13.66 10.72 5.29
CA ARG A 105 13.97 10.75 3.84
C ARG A 105 15.27 10.01 3.56
N GLY A 106 15.30 9.29 2.45
CA GLY A 106 16.55 8.65 2.01
C GLY A 106 16.95 7.59 3.01
N SER A 107 16.01 6.69 3.25
CA SER A 107 16.26 5.46 3.95
C SER A 107 15.87 4.42 2.95
N ASP A 108 16.27 3.19 3.19
CA ASP A 108 15.88 2.09 2.30
C ASP A 108 14.37 1.96 2.25
N LEU A 109 13.74 2.08 3.42
CA LEU A 109 12.33 2.05 3.53
C LEU A 109 11.89 3.38 4.17
N CYS A 110 11.51 4.33 3.32
CA CYS A 110 10.88 5.56 3.77
C CYS A 110 9.43 5.59 3.35
N LEU A 111 8.55 5.47 4.34
CA LEU A 111 7.09 5.36 4.12
C LEU A 111 6.32 6.66 4.39
N ALA A 112 7.04 7.76 4.62
CA ALA A 112 6.39 9.04 4.81
C ALA A 112 5.42 9.42 3.68
N PRO A 113 5.76 9.14 2.40
CA PRO A 113 4.80 9.42 1.33
C PRO A 113 3.47 8.66 1.41
N VAL A 115 2.01 7.88 4.39
CA VAL A 115 1.27 8.64 5.42
C VAL A 115 0.53 9.81 4.75
N GLU A 116 1.23 10.56 3.92
CA GLU A 116 0.63 11.76 3.32
C GLU A 116 -0.47 11.47 2.33
N VAL A 118 -2.44 8.56 2.11
CA VAL A 118 -3.58 7.94 2.77
C VAL A 118 -4.37 8.98 3.57
N LEU A 119 -3.64 9.90 4.22
CA LEU A 119 -4.29 10.86 5.12
C LEU A 119 -4.60 12.18 4.46
N ASP A 120 -4.68 12.21 3.13
CA ASP A 120 -5.27 13.34 2.41
C ASP A 120 -6.67 13.60 2.95
N PRO A 121 -7.03 14.87 3.19
CA PRO A 121 -8.34 15.12 3.78
C PRO A 121 -9.52 14.55 3.02
N THR A 122 -9.45 14.62 1.68
CA THR A 122 -10.54 14.16 0.84
C THR A 122 -10.62 12.65 0.79
N LEU A 123 -9.47 11.99 0.62
CA LEU A 123 -9.44 10.52 0.59
C LEU A 123 -9.79 9.90 1.94
N SER A 124 -9.10 10.28 3.01
CA SER A 124 -9.37 9.71 4.32
C SER A 124 -10.78 10.16 4.81
N GLY A 125 -11.19 11.39 4.44
CA GLY A 125 -12.54 11.89 4.75
C GLY A 125 -13.65 11.10 4.10
N SER A 126 -13.33 10.39 3.03
CA SER A 126 -14.31 9.51 2.38
C SER A 126 -14.93 8.51 3.33
N TYR A 127 -14.18 8.14 4.37
CA TYR A 127 -14.60 7.09 5.30
C TYR A 127 -15.72 7.56 6.23
N HIS A 128 -16.05 8.86 6.21
CA HIS A 128 -17.31 9.29 6.86
C HIS A 128 -18.56 8.79 6.14
N GLU A 129 -18.41 8.33 4.89
CA GLU A 129 -19.55 7.89 4.05
C GLU A 129 -19.69 6.36 3.95
N LEU A 130 -19.19 5.63 4.93
CA LEU A 130 -19.38 4.18 4.90
C LEU A 130 -20.85 3.81 4.80
N LYS A 131 -21.74 4.57 5.47
CA LYS A 131 -23.18 4.24 5.45
C LYS A 131 -23.73 4.37 4.02
N LYS A 132 -23.54 5.50 3.40
CA LYS A 132 -24.03 5.63 2.01
C LYS A 132 -23.46 4.55 1.10
N TRP A 133 -22.16 4.30 1.26
CA TRP A 133 -21.44 3.30 0.44
C TRP A 133 -22.01 1.89 0.61
N ILE A 134 -22.35 1.52 1.84
CA ILE A 134 -22.86 0.17 2.09
C ILE A 134 -24.20 -0.07 1.43
N TYR A 135 -24.96 1.02 1.18
CA TYR A 135 -26.20 0.95 0.46
C TYR A 135 -26.08 1.04 -1.07
N GLU A 136 -24.86 1.21 -1.59
CA GLU A 136 -24.67 1.21 -3.04
C GLU A 136 -24.42 -0.17 -3.59
N GLU A 137 -25.25 -0.57 -4.57
CA GLU A 137 -25.10 -1.90 -5.19
C GLU A 137 -23.75 -2.07 -5.88
N ASP A 138 -23.26 -1.01 -6.53
CA ASP A 138 -22.05 -1.06 -7.36
C ASP A 138 -20.89 -0.13 -6.95
N LEU A 139 -21.22 1.09 -6.54
CA LEU A 139 -20.18 2.05 -6.24
C LEU A 139 -19.18 1.58 -5.18
N THR A 140 -17.94 1.95 -5.45
CA THR A 140 -16.86 1.93 -4.47
C THR A 140 -17.01 3.10 -3.49
N LEU A 141 -16.31 3.02 -2.35
CA LEU A 141 -16.36 4.14 -1.39
C LEU A 141 -15.79 5.41 -2.01
N PHE A 142 -14.63 5.33 -2.67
CA PHE A 142 -14.16 6.50 -3.41
C PHE A 142 -15.10 6.92 -4.52
N GLY A 143 -15.80 5.99 -5.19
CA GLY A 143 -16.78 6.39 -6.24
C GLY A 143 -17.92 7.27 -5.68
N VAL A 144 -18.32 6.97 -4.46
CA VAL A 144 -19.34 7.76 -3.73
C VAL A 144 -18.88 9.18 -3.46
N THR A 145 -17.64 9.35 -3.03
CA THR A 145 -17.16 10.63 -2.51
C THR A 145 -16.46 11.48 -3.55
N LEU A 146 -15.83 10.86 -4.56
CA LEU A 146 -15.04 11.63 -5.54
C LEU A 146 -15.83 11.98 -6.76
N GLY A 147 -16.98 11.33 -6.95
CA GLY A 147 -17.82 11.51 -8.14
C GLY A 147 -17.31 10.93 -9.43
N SER A 148 -16.26 10.12 -9.37
CA SER A 148 -15.89 9.26 -10.49
C SER A 148 -15.13 8.12 -9.89
N GLY A 149 -14.81 7.12 -10.72
CA GLY A 149 -13.89 6.09 -10.34
C GLY A 149 -12.54 6.68 -10.00
N PHE A 150 -11.81 5.95 -9.16
CA PHE A 150 -10.55 6.40 -8.65
C PHE A 150 -9.52 6.61 -9.76
N TRP A 151 -9.43 5.70 -10.72
CA TRP A 151 -8.38 5.84 -11.76
C TRP A 151 -8.69 7.05 -12.67
N ASP A 152 -9.96 7.26 -13.00
CA ASP A 152 -10.38 8.47 -13.70
C ASP A 152 -10.09 9.75 -12.88
N PHE A 153 -10.32 9.70 -11.57
CA PHE A 153 -10.00 10.82 -10.69
C PHE A 153 -8.51 11.19 -10.77
N LEU A 154 -7.61 10.19 -10.69
CA LEU A 154 -6.17 10.45 -10.76
C LEU A 154 -5.80 11.14 -12.09
N ASP A 155 -6.43 10.70 -13.17
CA ASP A 155 -6.19 11.28 -14.49
C ASP A 155 -6.57 12.76 -14.57
N LYS A 156 -7.55 13.17 -13.78
CA LYS A 156 -8.02 14.60 -13.76
C LYS A 156 -7.35 15.47 -12.70
N ASN A 157 -6.61 14.87 -11.76
CA ASN A 157 -6.05 15.57 -10.62
C ASN A 157 -4.56 15.25 -10.44
N PRO A 158 -3.67 15.95 -11.17
CA PRO A 158 -2.23 15.61 -11.18
C PRO A 158 -1.54 15.56 -9.80
N GLU A 159 -1.91 16.47 -8.90
CA GLU A 159 -1.35 16.45 -7.54
C GLU A 159 -1.69 15.14 -6.80
N TYR A 160 -2.92 14.66 -6.96
CA TYR A 160 -3.31 13.35 -6.44
C TYR A 160 -2.57 12.20 -7.10
N ASN A 161 -2.46 12.26 -8.42
CA ASN A 161 -1.73 11.25 -9.18
C ASN A 161 -0.28 11.15 -8.69
N THR A 162 0.36 12.31 -8.48
CA THR A 162 1.71 12.36 -7.94
C THR A 162 1.79 11.76 -6.53
N SER A 163 0.85 12.14 -5.66
CA SER A 163 0.81 11.65 -4.28
CA SER A 163 0.87 11.65 -4.29
C SER A 163 0.69 10.12 -4.27
N PHE A 164 -0.21 9.62 -5.12
CA PHE A 164 -0.43 8.17 -5.22
C PHE A 164 0.84 7.47 -5.73
N ASN A 165 1.41 7.99 -6.81
CA ASN A 165 2.64 7.39 -7.33
C ASN A 165 3.76 7.33 -6.32
N ASP A 166 3.94 8.43 -5.59
CA ASP A 166 4.95 8.48 -4.54
C ASP A 166 4.64 7.49 -3.44
N ALA A 167 3.37 7.30 -3.11
CA ALA A 167 3.02 6.35 -2.08
C ALA A 167 3.33 4.92 -2.55
N ALA A 169 5.58 4.12 -4.68
CA ALA A 169 7.03 3.99 -4.85
C ALA A 169 7.68 3.70 -3.50
N SER A 170 7.01 4.12 -2.42
CA SER A 170 7.69 4.16 -1.10
C SER A 170 8.10 2.78 -0.57
N ASP A 171 7.36 1.71 -0.87
CA ASP A 171 7.91 0.34 -0.55
C ASP A 171 8.37 -0.45 -1.77
N SER A 172 8.54 0.21 -2.91
CA SER A 172 8.78 -0.48 -4.18
C SER A 172 10.14 -1.16 -4.21
N LYS A 173 11.18 -0.49 -3.70
CA LYS A 173 12.55 -1.07 -3.79
C LYS A 173 12.59 -2.42 -3.08
N LEU A 174 11.94 -2.52 -1.93
CA LEU A 174 12.01 -3.71 -1.09
C LEU A 174 11.31 -4.88 -1.76
N ILE A 175 10.12 -4.58 -2.27
CA ILE A 175 9.31 -5.61 -2.92
C ILE A 175 9.96 -6.00 -4.20
N ASN A 176 10.38 -5.01 -5.00
CA ASN A 176 10.95 -5.32 -6.29
C ASN A 176 12.25 -6.10 -6.18
N LEU A 177 13.04 -5.81 -5.16
CA LEU A 177 14.28 -6.54 -4.95
C LEU A 177 13.99 -7.97 -4.48
N ALA A 178 12.98 -8.15 -3.62
CA ALA A 178 12.60 -9.50 -3.22
C ALA A 178 12.11 -10.34 -4.43
N LEU A 179 11.32 -9.69 -5.30
CA LEU A 179 10.84 -10.32 -6.51
C LEU A 179 11.99 -10.74 -7.42
N ARG A 180 12.93 -9.82 -7.69
CA ARG A 180 14.00 -10.17 -8.66
C ARG A 180 14.92 -11.26 -8.13
N ASP A 181 15.00 -11.39 -6.81
CA ASP A 181 15.74 -12.49 -6.18
C ASP A 181 15.03 -13.88 -6.23
N CYS A 182 13.80 -13.92 -6.72
CA CYS A 182 13.06 -15.19 -6.93
C CYS A 182 13.37 -15.81 -8.29
N ASP A 183 14.42 -16.60 -8.36
CA ASP A 183 14.77 -17.22 -9.65
C ASP A 183 13.72 -18.15 -10.19
N PHE A 184 12.95 -18.79 -9.31
CA PHE A 184 11.85 -19.63 -9.74
C PHE A 184 10.81 -18.90 -10.56
N VAL A 185 10.65 -17.60 -10.32
CA VAL A 185 9.75 -16.79 -11.13
C VAL A 185 10.27 -16.64 -12.56
N PHE A 186 11.55 -16.29 -12.69
CA PHE A 186 12.09 -15.84 -13.97
C PHE A 186 12.80 -16.87 -14.81
N ASP A 187 13.21 -17.98 -14.19
CA ASP A 187 13.82 -19.10 -14.87
C ASP A 187 13.06 -19.48 -16.13
N GLY A 188 13.72 -19.44 -17.28
CA GLY A 188 13.11 -19.92 -18.51
C GLY A 188 12.26 -18.91 -19.24
N LEU A 189 11.90 -17.76 -18.62
CA LEU A 189 11.08 -16.76 -19.33
C LEU A 189 11.83 -16.09 -20.44
N GLU A 190 11.14 -15.85 -21.54
CA GLU A 190 11.65 -14.96 -22.58
C GLU A 190 10.95 -13.60 -22.60
N SER A 191 9.76 -13.52 -22.05
CA SER A 191 9.04 -12.29 -21.97
C SER A 191 8.12 -12.27 -20.74
N ILE A 192 7.83 -11.07 -20.27
CA ILE A 192 6.85 -10.86 -19.21
C ILE A 192 6.12 -9.57 -19.45
N VAL A 193 4.83 -9.53 -19.10
CA VAL A 193 4.08 -8.31 -19.11
C VAL A 193 3.68 -7.95 -17.70
N ASP A 194 4.05 -6.76 -17.26
CA ASP A 194 3.68 -6.25 -15.93
C ASP A 194 2.38 -5.50 -16.09
N VAL A 195 1.29 -6.17 -15.72
CA VAL A 195 -0.08 -5.68 -15.93
C VAL A 195 -0.47 -4.75 -14.79
N GLY A 196 -0.84 -3.53 -15.13
CA GLY A 196 -0.89 -2.46 -14.16
C GLY A 196 0.46 -2.10 -13.63
N GLY A 197 1.46 -2.08 -14.51
CA GLY A 197 2.87 -1.89 -14.12
C GLY A 197 3.31 -0.45 -13.85
N GLY A 198 2.38 0.48 -13.90
CA GLY A 198 2.65 1.84 -13.48
C GLY A 198 3.56 2.58 -14.44
N THR A 199 4.57 3.27 -13.88
CA THR A 199 5.56 3.94 -14.68
C THR A 199 6.76 3.02 -14.95
N GLY A 200 6.66 1.71 -14.68
CA GLY A 200 7.78 0.81 -14.94
C GLY A 200 8.80 0.58 -13.83
N THR A 201 8.44 0.94 -12.61
CA THR A 201 9.37 0.83 -11.47
C THR A 201 9.84 -0.59 -11.29
N THR A 202 8.87 -1.52 -11.21
CA THR A 202 9.22 -2.97 -11.12
C THR A 202 10.00 -3.46 -12.35
N ALA A 203 9.50 -3.14 -13.53
CA ALA A 203 10.05 -3.65 -14.78
C ALA A 203 11.50 -3.23 -14.96
N LYS A 204 11.83 -2.01 -14.54
CA LYS A 204 13.22 -1.57 -14.62
C LYS A 204 14.16 -2.45 -13.78
N ILE A 205 13.72 -2.82 -12.58
CA ILE A 205 14.52 -3.68 -11.72
C ILE A 205 14.62 -5.08 -12.32
N ILE A 206 13.51 -5.59 -12.85
CA ILE A 206 13.54 -6.83 -13.58
C ILE A 206 14.54 -6.78 -14.73
N CYS A 207 14.48 -5.74 -15.58
CA CYS A 207 15.36 -5.67 -16.75
C CYS A 207 16.84 -5.53 -16.34
N GLU A 208 17.09 -4.82 -15.24
CA GLU A 208 18.44 -4.63 -14.73
C GLU A 208 19.05 -5.93 -14.25
N THR A 209 18.19 -6.82 -13.76
CA THR A 209 18.56 -8.13 -13.25
C THR A 209 18.71 -9.19 -14.35
N PHE A 210 17.85 -9.10 -15.36
CA PHE A 210 17.70 -10.09 -16.42
C PHE A 210 17.72 -9.33 -17.75
N PRO A 211 18.94 -8.97 -18.21
CA PRO A 211 19.07 -8.07 -19.35
C PRO A 211 18.61 -8.66 -20.69
N LYS A 212 18.41 -9.98 -20.72
CA LYS A 212 17.93 -10.65 -21.94
C LYS A 212 16.41 -10.79 -22.00
N LEU A 213 15.74 -10.52 -20.87
CA LEU A 213 14.29 -10.69 -20.77
C LEU A 213 13.50 -9.53 -21.38
N LYS A 214 12.53 -9.83 -22.23
CA LYS A 214 11.65 -8.80 -22.79
C LYS A 214 10.61 -8.46 -21.73
N CYS A 215 10.44 -7.18 -21.44
CA CYS A 215 9.47 -6.71 -20.42
CA CYS A 215 9.49 -6.74 -20.45
C CYS A 215 8.58 -5.68 -21.05
N ILE A 216 7.29 -5.89 -20.92
CA ILE A 216 6.30 -4.89 -21.34
C ILE A 216 5.67 -4.34 -20.06
N VAL A 217 5.74 -3.01 -19.89
CA VAL A 217 5.00 -2.31 -18.86
C VAL A 217 3.64 -1.92 -19.45
N PHE A 218 2.58 -2.52 -18.91
CA PHE A 218 1.22 -2.32 -19.38
C PHE A 218 0.39 -1.59 -18.36
N ASP A 219 -0.16 -0.44 -18.75
CA ASP A 219 -1.02 0.28 -17.85
C ASP A 219 -1.93 1.17 -18.72
N ARG A 220 -2.69 2.01 -18.04
CA ARG A 220 -3.63 2.90 -18.72
C ARG A 220 -2.90 3.88 -19.58
N PRO A 221 -3.48 4.30 -20.74
CA PRO A 221 -2.76 5.19 -21.62
C PRO A 221 -2.20 6.43 -20.96
N GLN A 222 -3.01 7.05 -20.10
CA GLN A 222 -2.53 8.27 -19.47
C GLN A 222 -1.32 8.02 -18.57
N VAL A 223 -1.23 6.82 -18.00
CA VAL A 223 -0.14 6.52 -17.08
C VAL A 223 1.15 6.37 -17.86
N VAL A 224 1.11 5.74 -19.02
CA VAL A 224 2.37 5.42 -19.76
C VAL A 224 2.71 6.37 -20.87
N GLU A 225 1.87 7.40 -21.07
CA GLU A 225 2.07 8.36 -22.17
C GLU A 225 3.38 9.07 -21.92
N ASN A 226 4.15 9.26 -22.97
CA ASN A 226 5.43 9.99 -22.85
C ASN A 226 6.56 9.24 -22.16
N LEU A 227 6.33 8.00 -21.70
CA LEU A 227 7.41 7.20 -21.18
C LEU A 227 8.10 6.49 -22.33
N SER A 228 9.42 6.43 -22.23
CA SER A 228 10.23 5.83 -23.27
C SER A 228 10.96 4.68 -22.64
N GLY A 229 10.95 3.57 -23.36
CA GLY A 229 11.62 2.40 -22.90
C GLY A 229 13.02 2.37 -23.43
N SER A 230 13.69 1.28 -23.12
CA SER A 230 15.07 1.07 -23.54
C SER A 230 15.40 -0.41 -23.66
N ASN A 231 16.13 -0.71 -24.73
CA ASN A 231 16.36 -2.02 -25.28
C ASN A 231 15.17 -3.00 -25.21
N ASN A 232 15.06 -3.72 -24.10
CA ASN A 232 14.07 -4.81 -24.01
C ASN A 232 12.87 -4.40 -23.16
N LEU A 233 12.86 -3.15 -22.69
CA LEU A 233 11.71 -2.63 -21.92
C LEU A 233 10.87 -1.69 -22.81
N THR A 234 9.59 -2.00 -22.97
CA THR A 234 8.68 -1.15 -23.71
C THR A 234 7.46 -0.87 -22.83
N TYR A 235 6.72 0.16 -23.22
CA TYR A 235 5.47 0.57 -22.55
C TYR A 235 4.34 0.33 -23.52
N VAL A 236 3.25 -0.23 -23.04
CA VAL A 236 1.99 -0.34 -23.80
C VAL A 236 0.85 0.23 -22.98
N GLY A 237 0.11 1.15 -23.57
CA GLY A 237 -1.13 1.69 -22.99
C GLY A 237 -2.33 0.82 -23.41
N GLY A 238 -3.24 0.56 -22.48
CA GLY A 238 -4.34 -0.31 -22.73
C GLY A 238 -5.28 -0.42 -21.55
N ASP A 239 -6.15 -1.41 -21.63
CA ASP A 239 -7.14 -1.68 -20.65
C ASP A 239 -7.08 -3.16 -20.38
N PHE A 241 -8.99 -4.98 -18.81
CA PHE A 241 -10.30 -5.62 -18.97
C PHE A 241 -10.68 -5.97 -20.40
N THR A 242 -9.93 -5.45 -21.35
CA THR A 242 -10.18 -5.65 -22.77
C THR A 242 -9.16 -6.52 -23.48
N SER A 243 -7.87 -6.21 -23.29
CA SER A 243 -6.84 -7.00 -23.94
C SER A 243 -5.48 -6.75 -23.28
N ILE A 244 -4.83 -7.85 -22.91
CA ILE A 244 -3.50 -7.80 -22.31
C ILE A 244 -2.52 -8.39 -23.35
N PRO A 245 -1.40 -7.69 -23.62
CA PRO A 245 -0.45 -8.23 -24.53
C PRO A 245 0.07 -9.64 -24.22
N ASN A 246 0.25 -10.46 -25.26
CA ASN A 246 0.84 -11.79 -25.13
C ASN A 246 2.24 -11.73 -24.52
N ALA A 247 2.49 -12.69 -23.61
CA ALA A 247 3.81 -12.92 -23.05
C ALA A 247 3.91 -14.29 -22.42
N ASP A 248 5.14 -14.69 -22.06
CA ASP A 248 5.37 -15.95 -21.32
C ASP A 248 4.75 -15.95 -19.90
N ALA A 249 4.67 -14.76 -19.29
CA ALA A 249 4.11 -14.59 -17.98
C ALA A 249 3.51 -13.20 -17.82
N VAL A 250 2.49 -13.11 -16.96
CA VAL A 250 1.93 -11.87 -16.48
C VAL A 250 2.35 -11.67 -15.03
N LEU A 251 2.72 -10.45 -14.67
CA LEU A 251 2.84 -10.02 -13.29
C LEU A 251 1.72 -9.13 -12.88
N LEU A 252 1.17 -9.38 -11.72
CA LEU A 252 0.14 -8.52 -11.10
C LEU A 252 0.61 -8.09 -9.71
N LYS A 253 1.25 -6.92 -9.61
CA LYS A 253 1.74 -6.44 -8.31
C LYS A 253 0.80 -5.40 -7.77
N TYR A 254 0.20 -5.67 -6.61
CA TYR A 254 -0.76 -4.74 -6.00
C TYR A 254 -1.90 -4.36 -6.97
N ILE A 255 -2.41 -5.34 -7.71
CA ILE A 255 -3.51 -5.17 -8.65
C ILE A 255 -4.81 -5.75 -8.07
N LEU A 256 -4.82 -7.07 -7.80
CA LEU A 256 -6.06 -7.81 -7.56
C LEU A 256 -6.73 -7.42 -6.26
N HIS A 257 -5.97 -6.90 -5.32
CA HIS A 257 -6.59 -6.45 -4.06
C HIS A 257 -7.42 -5.19 -4.24
N ASN A 258 -7.28 -4.50 -5.40
CA ASN A 258 -8.08 -3.29 -5.71
C ASN A 258 -9.43 -3.56 -6.31
N TRP A 259 -9.83 -4.84 -6.46
CA TRP A 259 -11.04 -5.19 -7.20
C TRP A 259 -11.90 -6.21 -6.50
N THR A 260 -13.21 -6.16 -6.77
CA THR A 260 -14.11 -7.21 -6.31
C THR A 260 -13.75 -8.57 -6.93
N ASP A 261 -14.32 -9.64 -6.38
CA ASP A 261 -14.12 -10.96 -6.98
C ASP A 261 -14.55 -10.95 -8.45
N LYS A 262 -15.68 -10.34 -8.74
CA LYS A 262 -16.19 -10.35 -10.12
C LYS A 262 -15.20 -9.65 -11.10
N ASP A 263 -14.70 -8.51 -10.69
CA ASP A 263 -13.70 -7.81 -11.50
C ASP A 263 -12.37 -8.58 -11.57
N CYS A 264 -11.93 -9.22 -10.47
CA CYS A 264 -10.75 -10.04 -10.53
C CYS A 264 -10.91 -11.19 -11.51
N LEU A 265 -12.08 -11.77 -11.57
CA LEU A 265 -12.36 -12.79 -12.58
C LEU A 265 -12.16 -12.29 -14.00
N ARG A 266 -12.64 -11.09 -14.26
CA ARG A 266 -12.47 -10.54 -15.59
C ARG A 266 -11.00 -10.31 -15.91
N ILE A 267 -10.27 -9.77 -14.96
CA ILE A 267 -8.83 -9.56 -15.15
C ILE A 267 -8.10 -10.88 -15.37
N LEU A 268 -8.40 -11.85 -14.52
CA LEU A 268 -7.72 -13.13 -14.60
C LEU A 268 -8.03 -13.86 -15.91
N LYS A 269 -9.25 -13.74 -16.41
CA LYS A 269 -9.56 -14.27 -17.76
C LYS A 269 -8.66 -13.66 -18.87
N LYS A 270 -8.45 -12.34 -18.82
CA LYS A 270 -7.60 -11.68 -19.80
C LYS A 270 -6.14 -12.08 -19.62
N CYS A 271 -5.74 -12.29 -18.36
CA CYS A 271 -4.37 -12.74 -18.10
C CYS A 271 -4.16 -14.18 -18.64
N LYS A 272 -5.13 -15.05 -18.38
CA LYS A 272 -5.08 -16.41 -18.93
C LYS A 272 -4.93 -16.40 -20.45
N GLU A 273 -5.73 -15.55 -21.13
CA GLU A 273 -5.67 -15.42 -22.57
C GLU A 273 -4.25 -15.01 -23.00
N ALA A 274 -3.66 -14.05 -22.29
CA ALA A 274 -2.36 -13.51 -22.62
C ALA A 274 -1.25 -14.53 -22.57
N VAL A 275 -1.39 -15.50 -21.66
CA VAL A 275 -0.32 -16.49 -21.47
C VAL A 275 -0.63 -17.85 -22.13
N THR A 276 -1.72 -17.93 -22.90
CA THR A 276 -2.10 -19.18 -23.55
C THR A 276 -2.31 -19.01 -25.06
N ASN A 277 -1.81 -17.94 -25.66
CA ASN A 277 -1.86 -17.74 -27.14
C ASN A 277 -0.96 -18.76 -27.90
N ASP A 278 -1.42 -19.16 -29.08
CA ASP A 278 -0.61 -19.94 -30.05
C ASP A 278 -0.04 -21.24 -29.48
N GLY A 279 -0.83 -21.92 -28.68
CA GLY A 279 -0.40 -23.17 -28.04
C GLY A 279 0.52 -23.03 -26.82
N LYS A 280 0.96 -21.81 -26.48
CA LYS A 280 1.79 -21.62 -25.27
C LYS A 280 1.01 -21.88 -23.97
N ARG A 281 1.75 -22.30 -22.93
CA ARG A 281 1.16 -22.47 -21.61
C ARG A 281 2.04 -21.76 -20.61
N GLY A 282 1.80 -20.46 -20.46
CA GLY A 282 2.59 -19.68 -19.53
C GLY A 282 1.98 -19.67 -18.13
N LYS A 283 2.22 -18.59 -17.40
CA LYS A 283 1.77 -18.49 -16.00
C LYS A 283 1.50 -17.05 -15.60
N VAL A 284 0.84 -16.88 -14.49
CA VAL A 284 0.55 -15.55 -13.95
C VAL A 284 1.13 -15.50 -12.55
N THR A 285 1.87 -14.41 -12.24
CA THR A 285 2.55 -14.20 -10.95
C THR A 285 1.93 -12.99 -10.27
N ILE A 286 1.46 -13.17 -9.03
CA ILE A 286 0.66 -12.19 -8.29
C ILE A 286 1.46 -11.83 -7.03
N ILE A 287 1.54 -10.53 -6.74
CA ILE A 287 2.08 -10.02 -5.50
C ILE A 287 0.94 -9.24 -4.79
N ASP A 288 0.57 -9.76 -3.62
CA ASP A 288 -0.51 -9.17 -2.79
C ASP A 288 -0.47 -9.90 -1.45
N VAL A 290 -1.72 -12.34 1.61
CA VAL A 290 -2.51 -13.55 1.86
C VAL A 290 -2.76 -13.57 3.36
N ILE A 291 -4.02 -13.43 3.72
CA ILE A 291 -4.40 -13.55 5.12
C ILE A 291 -4.29 -15.02 5.54
N ASP A 292 -3.70 -15.28 6.71
CA ASP A 292 -3.57 -16.63 7.22
C ASP A 292 -3.63 -16.57 8.75
N LYS A 293 -4.84 -16.66 9.30
CA LYS A 293 -5.03 -16.46 10.73
C LYS A 293 -4.34 -17.57 11.50
N LYS A 294 -4.26 -18.75 10.91
CA LYS A 294 -3.66 -19.91 11.62
C LYS A 294 -2.13 -19.75 11.74
N LYS A 295 -1.49 -19.20 10.70
CA LYS A 295 -0.02 -19.22 10.58
C LYS A 295 0.65 -17.90 10.89
N ASP A 296 0.04 -16.76 10.52
CA ASP A 296 0.70 -15.49 10.81
C ASP A 296 0.70 -15.18 12.29
N GLU A 297 1.66 -14.36 12.71
CA GLU A 297 1.64 -13.78 14.02
C GLU A 297 0.38 -12.94 14.17
N ASN A 298 -0.25 -12.97 15.35
CA ASN A 298 -1.48 -12.20 15.55
C ASN A 298 -1.38 -10.74 15.11
N GLN A 299 -0.29 -10.04 15.45
CA GLN A 299 -0.22 -8.64 15.11
C GLN A 299 -0.24 -8.45 13.58
N VAL A 300 0.36 -9.38 12.87
CA VAL A 300 0.42 -9.29 11.40
C VAL A 300 -0.98 -9.50 10.84
N THR A 301 -1.68 -10.51 11.35
CA THR A 301 -3.08 -10.81 10.93
C THR A 301 -3.94 -9.57 11.14
N GLN A 302 -3.71 -8.88 12.25
CA GLN A 302 -4.52 -7.71 12.58
C GLN A 302 -4.34 -6.57 11.58
N ILE A 303 -3.09 -6.34 11.15
CA ILE A 303 -2.82 -5.34 10.14
C ILE A 303 -3.46 -5.79 8.81
N LYS A 304 -3.34 -7.06 8.47
CA LYS A 304 -3.93 -7.50 7.18
C LYS A 304 -5.48 -7.32 7.14
N LEU A 305 -6.09 -7.61 8.27
CA LEU A 305 -7.55 -7.43 8.44
C LEU A 305 -7.95 -5.95 8.39
N LEU A 306 -7.14 -5.11 8.98
CA LEU A 306 -7.30 -3.67 8.86
C LEU A 306 -7.20 -3.14 7.42
N ASP A 308 -7.70 -4.95 4.86
CA ASP A 308 -8.89 -5.45 4.18
C ASP A 308 -10.08 -4.47 4.35
N VAL A 309 -10.28 -4.04 5.58
CA VAL A 309 -11.36 -3.03 5.79
C VAL A 309 -11.11 -1.75 5.02
N ASN A 310 -9.87 -1.27 5.02
CA ASN A 310 -9.45 -0.06 4.29
C ASN A 310 -9.76 -0.12 2.79
N ALA A 312 -12.28 -0.85 1.26
CA ALA A 312 -13.58 -0.33 0.89
C ALA A 312 -13.46 0.79 -0.12
N CYS A 313 -12.39 1.58 -0.03
CA CYS A 313 -12.11 2.64 -1.03
C CYS A 313 -12.37 2.24 -2.47
N LEU A 314 -11.95 1.02 -2.84
CA LEU A 314 -12.12 0.52 -4.22
C LEU A 314 -12.98 -0.75 -4.32
N ASN A 315 -13.78 -1.04 -3.30
CA ASN A 315 -14.45 -2.33 -3.18
C ASN A 315 -13.45 -3.49 -3.31
N GLY A 316 -12.22 -3.26 -2.85
CA GLY A 316 -11.22 -4.30 -2.90
C GLY A 316 -11.25 -5.18 -1.66
N LYS A 317 -10.21 -5.98 -1.52
CA LYS A 317 -10.22 -7.07 -0.56
C LYS A 317 -8.83 -7.57 -0.35
N GLU A 318 -8.50 -7.95 0.88
CA GLU A 318 -7.24 -8.67 1.13
C GLU A 318 -7.67 -10.08 1.44
N ARG A 319 -7.22 -11.00 0.63
CA ARG A 319 -7.78 -12.33 0.58
C ARG A 319 -7.01 -13.37 1.36
N ASN A 320 -7.73 -14.33 1.92
CA ASN A 320 -7.12 -15.51 2.47
C ASN A 320 -6.95 -16.56 1.38
N GLU A 321 -6.29 -17.67 1.74
CA GLU A 321 -5.96 -18.69 0.71
C GLU A 321 -7.16 -19.32 0.09
N GLU A 322 -8.20 -19.62 0.88
CA GLU A 322 -9.44 -20.15 0.31
C GLU A 322 -10.10 -19.20 -0.70
N GLU A 323 -10.06 -17.90 -0.40
CA GLU A 323 -10.61 -16.88 -1.29
C GLU A 323 -9.81 -16.80 -2.59
N TRP A 324 -8.48 -16.81 -2.48
CA TRP A 324 -7.64 -16.77 -3.66
C TRP A 324 -7.93 -18.04 -4.52
N LYS A 325 -7.94 -19.19 -3.87
CA LYS A 325 -8.17 -20.45 -4.57
C LYS A 325 -9.49 -20.48 -5.34
N LYS A 326 -10.56 -19.96 -4.74
CA LYS A 326 -11.85 -19.95 -5.37
C LYS A 326 -11.83 -19.09 -6.65
N LEU A 327 -11.10 -17.98 -6.60
CA LEU A 327 -10.93 -17.12 -7.80
C LEU A 327 -10.19 -17.90 -8.86
N PHE A 328 -9.09 -18.53 -8.47
CA PHE A 328 -8.24 -19.20 -9.46
C PHE A 328 -9.00 -20.32 -10.19
N ILE A 329 -9.77 -21.09 -9.44
CA ILE A 329 -10.59 -22.19 -9.99
C ILE A 329 -11.65 -21.62 -10.91
N GLU A 330 -12.37 -20.59 -10.47
CA GLU A 330 -13.44 -20.02 -11.31
C GLU A 330 -12.86 -19.42 -12.59
N ALA A 331 -11.64 -18.88 -12.51
CA ALA A 331 -10.95 -18.32 -13.68
C ALA A 331 -10.29 -19.37 -14.63
N GLY A 332 -10.41 -20.65 -14.24
CA GLY A 332 -9.97 -21.79 -15.06
C GLY A 332 -8.48 -22.13 -14.95
N PHE A 333 -7.79 -21.67 -13.90
CA PHE A 333 -6.41 -22.06 -13.66
C PHE A 333 -6.41 -23.42 -12.98
N GLN A 334 -5.41 -24.25 -13.26
CA GLN A 334 -5.40 -25.63 -12.80
C GLN A 334 -4.83 -25.81 -11.42
N HIS A 335 -3.78 -25.03 -11.10
CA HIS A 335 -3.18 -25.15 -9.79
C HIS A 335 -2.42 -23.87 -9.46
N TYR A 336 -2.06 -23.70 -8.20
CA TYR A 336 -1.44 -22.47 -7.73
C TYR A 336 -0.44 -22.79 -6.65
N LYS A 337 0.49 -21.89 -6.42
CA LYS A 337 1.48 -22.00 -5.35
C LYS A 337 1.62 -20.65 -4.67
N ILE A 338 1.69 -20.66 -3.35
CA ILE A 338 1.91 -19.42 -2.55
C ILE A 338 3.21 -19.53 -1.82
N SER A 339 4.04 -18.49 -1.90
CA SER A 339 5.30 -18.38 -1.19
C SER A 339 5.36 -17.06 -0.43
N PRO A 340 6.05 -17.01 0.72
CA PRO A 340 6.25 -15.68 1.33
C PRO A 340 7.19 -14.86 0.47
N LEU A 341 6.99 -13.56 0.39
CA LEU A 341 7.90 -12.71 -0.40
C LEU A 341 8.68 -11.69 0.48
N THR A 342 7.98 -10.80 1.15
CA THR A 342 8.60 -9.82 2.05
C THR A 342 7.54 -9.17 2.89
N GLY A 343 7.74 -9.13 4.21
CA GLY A 343 6.83 -8.40 5.10
C GLY A 343 5.42 -8.92 4.97
N PHE A 344 4.52 -8.02 4.63
CA PHE A 344 3.13 -8.33 4.56
C PHE A 344 2.76 -9.12 3.28
N LEU A 345 3.67 -9.19 2.30
CA LEU A 345 3.31 -9.70 0.95
C LEU A 345 3.74 -11.12 0.65
N SER A 346 2.92 -11.80 -0.14
CA SER A 346 3.20 -13.11 -0.67
C SER A 346 3.37 -13.06 -2.19
N LEU A 347 3.92 -14.13 -2.74
CA LEU A 347 4.11 -14.29 -4.17
C LEU A 347 3.25 -15.50 -4.51
N ILE A 348 2.32 -15.31 -5.42
CA ILE A 348 1.39 -16.40 -5.76
C ILE A 348 1.60 -16.66 -7.24
N GLU A 349 1.82 -17.93 -7.61
CA GLU A 349 1.88 -18.28 -9.05
C GLU A 349 0.71 -19.17 -9.39
N ILE A 350 0.04 -18.88 -10.51
CA ILE A 350 -1.07 -19.68 -10.97
C ILE A 350 -0.79 -20.18 -12.38
N TYR A 351 -1.27 -21.38 -12.67
CA TYR A 351 -0.92 -22.13 -13.85
C TYR A 351 -2.19 -22.52 -14.61
N PRO A 352 -2.34 -22.04 -15.87
CA PRO A 352 -3.56 -22.23 -16.64
C PRO A 352 -3.86 -23.61 -17.03
#